data_3U6U
#
_entry.id   3U6U
#
_cell.length_a   155.601
_cell.length_b   155.601
_cell.length_c   79.535
_cell.angle_alpha   90.00
_cell.angle_beta   90.00
_cell.angle_gamma   120.00
#
_symmetry.space_group_name_H-M   'P 65'
#
loop_
_entity.id
_entity.type
_entity.pdbx_description
1 polymer 'Putative acetylglutamate kinase'
2 non-polymer 'SULFATE ION'
3 water water
#
_entity_poly.entity_id   1
_entity_poly.type   'polypeptide(L)'
_entity_poly.pdbx_seq_one_letter_code
;MIVVKVGGAEGINYEAVAKDAASLWKEGVKLLLVHGGSAETNKVAEALGHPPRFLTHPGGQVSRLTDRKTLEIFEMVYCG
LVNKRLVELLQKEGANAIGLSGLDGRLFVGRRKTAVKYVENGKVKVHRGDYTGTVEEVNKALLDLLLQAGYLPVLTPPAL
SYENEAINTDGDQIAALLATLYGAEALVYLSNVPGLLARYPDEASLVREIPVERIEDPEYLALAQGRMKRKVMGAVEAVK
GGVKRVVFADGRVENPIRRALSGEGTVVR
;
_entity_poly.pdbx_strand_id   A,C
#
# COMPACT_ATOMS: atom_id res chain seq x y z
N MET A 1 -19.14 -12.36 11.74
CA MET A 1 -18.24 -11.88 10.66
C MET A 1 -18.97 -11.79 9.33
N ILE A 2 -18.73 -10.69 8.62
CA ILE A 2 -19.32 -10.48 7.31
C ILE A 2 -18.20 -10.10 6.37
N VAL A 3 -18.10 -10.82 5.26
CA VAL A 3 -17.07 -10.54 4.27
C VAL A 3 -17.73 -9.82 3.11
N VAL A 4 -17.16 -8.68 2.72
CA VAL A 4 -17.69 -7.91 1.62
C VAL A 4 -16.67 -7.77 0.50
N LYS A 5 -17.06 -8.22 -0.69
CA LYS A 5 -16.19 -8.11 -1.86
C LYS A 5 -16.69 -6.99 -2.74
N VAL A 6 -15.83 -6.01 -2.97
CA VAL A 6 -16.17 -4.88 -3.82
C VAL A 6 -15.66 -5.19 -5.21
N GLY A 7 -16.58 -5.21 -6.17
CA GLY A 7 -16.22 -5.52 -7.55
C GLY A 7 -15.34 -4.47 -8.19
N GLY A 8 -14.71 -4.84 -9.30
CA GLY A 8 -13.84 -3.93 -10.01
C GLY A 8 -14.41 -3.37 -11.30
N ALA A 9 -15.68 -3.63 -11.55
CA ALA A 9 -16.33 -3.14 -12.75
C ALA A 9 -16.63 -1.65 -12.61
N GLU A 10 -16.61 -0.95 -13.74
CA GLU A 10 -16.86 0.49 -13.76
C GLU A 10 -18.16 0.85 -13.06
N GLY A 11 -18.17 1.98 -12.36
CA GLY A 11 -19.38 2.42 -11.69
C GLY A 11 -19.48 2.24 -10.18
N ILE A 12 -18.60 1.44 -9.58
CA ILE A 12 -18.66 1.24 -8.14
C ILE A 12 -18.62 2.58 -7.41
N ASN A 13 -19.48 2.74 -6.42
CA ASN A 13 -19.54 3.97 -5.64
C ASN A 13 -18.75 3.78 -4.35
N TYR A 14 -17.44 3.97 -4.43
CA TYR A 14 -16.55 3.79 -3.28
C TYR A 14 -16.94 4.61 -2.06
N GLU A 15 -17.38 5.85 -2.27
CA GLU A 15 -17.80 6.69 -1.16
C GLU A 15 -18.94 6.02 -0.39
N ALA A 16 -19.95 5.57 -1.12
CA ALA A 16 -21.10 4.92 -0.51
C ALA A 16 -20.69 3.63 0.20
N VAL A 17 -19.79 2.87 -0.41
CA VAL A 17 -19.32 1.64 0.20
C VAL A 17 -18.59 1.94 1.51
N ALA A 18 -17.68 2.91 1.47
CA ALA A 18 -16.92 3.29 2.66
C ALA A 18 -17.84 3.77 3.77
N LYS A 19 -18.78 4.64 3.41
CA LYS A 19 -19.71 5.18 4.39
C LYS A 19 -20.50 4.07 5.09
N ASP A 20 -21.01 3.14 4.32
CA ASP A 20 -21.80 2.05 4.89
C ASP A 20 -20.94 1.07 5.69
N ALA A 21 -19.76 0.71 5.16
CA ALA A 21 -18.88 -0.20 5.88
C ALA A 21 -18.46 0.40 7.21
N ALA A 22 -18.13 1.69 7.20
CA ALA A 22 -17.70 2.37 8.42
C ALA A 22 -18.83 2.41 9.46
N SER A 23 -20.04 2.67 9.00
CA SER A 23 -21.20 2.73 9.88
C SER A 23 -21.40 1.39 10.58
N LEU A 24 -21.30 0.31 9.80
CA LEU A 24 -21.46 -1.02 10.35
C LEU A 24 -20.31 -1.33 11.31
N TRP A 25 -19.10 -0.96 10.92
CA TRP A 25 -17.92 -1.21 11.73
C TRP A 25 -18.02 -0.50 13.08
N LYS A 26 -18.48 0.74 13.06
CA LYS A 26 -18.62 1.50 14.30
C LYS A 26 -19.69 0.92 15.22
N GLU A 27 -20.62 0.16 14.65
CA GLU A 27 -21.69 -0.45 15.44
C GLU A 27 -21.18 -1.69 16.15
N GLY A 28 -20.04 -2.21 15.70
CA GLY A 28 -19.47 -3.40 16.32
C GLY A 28 -19.55 -4.62 15.44
N VAL A 29 -20.02 -4.44 14.20
CA VAL A 29 -20.12 -5.56 13.26
C VAL A 29 -18.74 -5.93 12.74
N LYS A 30 -18.32 -7.18 12.96
CA LYS A 30 -17.02 -7.65 12.48
C LYS A 30 -17.10 -7.66 10.96
N LEU A 31 -16.07 -7.11 10.32
CA LEU A 31 -16.06 -7.02 8.88
C LEU A 31 -14.69 -7.21 8.24
N LEU A 32 -14.69 -7.77 7.04
CA LEU A 32 -13.48 -7.96 6.25
C LEU A 32 -13.85 -7.49 4.86
N LEU A 33 -13.08 -6.55 4.33
CA LEU A 33 -13.34 -6.04 2.99
C LEU A 33 -12.28 -6.51 2.02
N VAL A 34 -12.73 -6.91 0.84
CA VAL A 34 -11.84 -7.35 -0.23
C VAL A 34 -12.30 -6.53 -1.41
N HIS A 35 -11.38 -5.95 -2.18
CA HIS A 35 -11.77 -5.16 -3.33
C HIS A 35 -11.02 -5.60 -4.58
N GLY A 36 -11.25 -4.90 -5.68
CA GLY A 36 -10.59 -5.25 -6.92
C GLY A 36 -10.03 -4.04 -7.61
N GLY A 37 -10.15 -4.02 -8.95
CA GLY A 37 -9.65 -2.91 -9.72
C GLY A 37 -9.40 -3.25 -11.19
N SER A 38 -10.13 -4.21 -11.72
CA SER A 38 -9.94 -4.63 -13.11
C SER A 38 -10.20 -3.51 -14.12
N ALA A 39 -11.35 -2.87 -14.03
CA ALA A 39 -11.70 -1.80 -14.96
C ALA A 39 -10.67 -0.67 -14.95
N GLU A 40 -10.31 -0.20 -13.76
CA GLU A 40 -9.34 0.89 -13.67
C GLU A 40 -7.94 0.44 -14.10
N THR A 41 -7.65 -0.85 -13.92
CA THR A 41 -6.34 -1.37 -14.35
C THR A 41 -6.25 -1.35 -15.87
N ASN A 42 -7.32 -1.77 -16.54
CA ASN A 42 -7.33 -1.79 -18.01
C ASN A 42 -7.08 -0.40 -18.57
N LYS A 43 -7.70 0.61 -17.96
CA LYS A 43 -7.53 1.99 -18.40
C LYS A 43 -6.10 2.49 -18.25
N VAL A 44 -5.51 2.25 -17.08
CA VAL A 44 -4.14 2.70 -16.83
C VAL A 44 -3.18 1.96 -17.75
N ALA A 45 -3.39 0.67 -17.93
CA ALA A 45 -2.53 -0.15 -18.80
C ALA A 45 -2.59 0.44 -20.20
N GLU A 46 -3.79 0.81 -20.63
CA GLU A 46 -4.01 1.41 -21.95
C GLU A 46 -3.17 2.69 -22.04
N ALA A 47 -3.38 3.57 -21.08
CA ALA A 47 -2.68 4.86 -21.04
C ALA A 47 -1.17 4.72 -20.96
N LEU A 48 -0.69 3.60 -20.44
CA LEU A 48 0.75 3.38 -20.32
C LEU A 48 1.35 2.70 -21.55
N GLY A 49 0.51 2.45 -22.55
CA GLY A 49 0.99 1.82 -23.76
C GLY A 49 1.23 0.34 -23.60
N HIS A 50 0.39 -0.31 -22.80
CA HIS A 50 0.51 -1.75 -22.58
C HIS A 50 -0.88 -2.37 -22.48
N PRO A 51 -1.62 -2.35 -23.60
CA PRO A 51 -2.98 -2.89 -23.75
C PRO A 51 -3.18 -4.25 -23.11
N PRO A 52 -4.29 -4.42 -22.38
CA PRO A 52 -4.60 -5.69 -21.73
C PRO A 52 -4.76 -6.79 -22.73
N ARG A 53 -4.50 -8.00 -22.27
CA ARG A 53 -4.66 -9.15 -23.13
C ARG A 53 -5.43 -10.16 -22.35
N PHE A 54 -6.47 -10.68 -22.94
CA PHE A 54 -7.16 -11.68 -22.23
C PHE A 54 -7.11 -12.81 -23.14
N LEU A 55 -7.09 -13.93 -22.48
CA LEU A 55 -7.04 -15.16 -23.16
C LEU A 55 -8.30 -15.80 -22.77
N THR A 56 -8.87 -16.45 -23.75
CA THR A 56 -10.11 -17.16 -23.61
C THR A 56 -9.87 -18.63 -23.33
N HIS A 57 -10.39 -19.08 -22.21
CA HIS A 57 -10.29 -20.48 -21.81
C HIS A 57 -11.50 -21.10 -22.45
N PRO A 58 -11.62 -22.43 -22.32
CA PRO A 58 -12.78 -23.14 -22.88
C PRO A 58 -13.82 -23.06 -21.77
N VAL A 62 -12.89 -15.44 -19.11
CA VAL A 62 -11.63 -14.89 -19.60
C VAL A 62 -10.66 -14.64 -18.44
N SER A 63 -9.40 -14.40 -18.79
CA SER A 63 -8.38 -14.13 -17.78
C SER A 63 -7.29 -13.24 -18.34
N ARG A 64 -6.87 -12.27 -17.54
CA ARG A 64 -5.83 -11.32 -17.92
C ARG A 64 -4.49 -12.02 -18.10
N LEU A 65 -3.88 -11.85 -19.28
CA LEU A 65 -2.58 -12.45 -19.54
C LEU A 65 -1.64 -11.61 -18.69
N THR A 66 -1.10 -12.20 -17.63
CA THR A 66 -0.26 -11.45 -16.71
C THR A 66 1.25 -11.66 -16.76
N ASP A 67 1.94 -10.80 -17.50
CA ASP A 67 3.40 -10.88 -17.56
C ASP A 67 3.91 -9.91 -16.49
N ARG A 68 5.22 -9.88 -16.27
CA ARG A 68 5.80 -9.01 -15.25
C ARG A 68 5.31 -7.57 -15.31
N LYS A 69 5.41 -6.94 -16.48
CA LYS A 69 4.99 -5.56 -16.63
C LYS A 69 3.52 -5.38 -16.26
N THR A 70 2.67 -6.29 -16.71
CA THR A 70 1.25 -6.20 -16.41
C THR A 70 1.01 -6.32 -14.91
N LEU A 71 1.78 -7.19 -14.26
CA LEU A 71 1.65 -7.39 -12.82
C LEU A 71 2.01 -6.09 -12.08
N GLU A 72 2.99 -5.36 -12.61
CA GLU A 72 3.40 -4.11 -12.00
C GLU A 72 2.28 -3.08 -12.09
N ILE A 73 1.60 -3.04 -13.25
CA ILE A 73 0.51 -2.10 -13.44
C ILE A 73 -0.66 -2.53 -12.54
N PHE A 74 -0.85 -3.84 -12.45
CA PHE A 74 -1.88 -4.43 -11.62
C PHE A 74 -1.67 -3.96 -10.17
N GLU A 75 -0.43 -4.05 -9.70
CA GLU A 75 -0.10 -3.64 -8.34
C GLU A 75 -0.31 -2.14 -8.15
N MET A 76 0.15 -1.35 -9.12
CA MET A 76 -0.02 0.10 -9.04
C MET A 76 -1.48 0.48 -8.79
N VAL A 77 -2.38 -0.13 -9.55
CA VAL A 77 -3.81 0.18 -9.44
C VAL A 77 -4.52 -0.50 -8.27
N TYR A 78 -4.40 -1.83 -8.15
CA TYR A 78 -5.06 -2.55 -7.06
C TYR A 78 -4.52 -2.17 -5.69
N CYS A 79 -3.20 -2.31 -5.53
CA CYS A 79 -2.53 -2.05 -4.26
C CYS A 79 -2.27 -0.59 -3.93
N GLY A 80 -2.12 0.24 -4.95
CA GLY A 80 -1.88 1.65 -4.71
C GLY A 80 -3.11 2.52 -4.82
N LEU A 81 -3.61 2.68 -6.04
CA LEU A 81 -4.77 3.52 -6.31
C LEU A 81 -6.04 3.15 -5.54
N VAL A 82 -6.57 1.96 -5.81
CA VAL A 82 -7.81 1.53 -5.17
C VAL A 82 -7.70 1.24 -3.68
N ASN A 83 -6.68 0.50 -3.27
CA ASN A 83 -6.54 0.16 -1.86
C ASN A 83 -6.43 1.41 -0.99
N LYS A 84 -5.55 2.34 -1.37
CA LYS A 84 -5.37 3.55 -0.57
C LYS A 84 -6.56 4.51 -0.67
N ARG A 85 -7.26 4.47 -1.80
CA ARG A 85 -8.45 5.32 -1.96
C ARG A 85 -9.48 4.90 -0.93
N LEU A 86 -9.71 3.60 -0.84
CA LEU A 86 -10.68 3.04 0.08
C LEU A 86 -10.26 3.20 1.54
N VAL A 87 -8.98 2.99 1.83
CA VAL A 87 -8.49 3.17 3.21
C VAL A 87 -8.73 4.62 3.65
N GLU A 88 -8.43 5.57 2.77
CA GLU A 88 -8.62 6.98 3.12
C GLU A 88 -10.09 7.31 3.33
N LEU A 89 -10.95 6.82 2.44
CA LEU A 89 -12.38 7.05 2.56
C LEU A 89 -12.91 6.51 3.88
N LEU A 90 -12.42 5.33 4.27
CA LEU A 90 -12.87 4.73 5.51
C LEU A 90 -12.38 5.55 6.71
N GLN A 91 -11.12 5.98 6.67
CA GLN A 91 -10.57 6.79 7.76
C GLN A 91 -11.38 8.08 7.90
N LYS A 92 -11.76 8.68 6.76
CA LYS A 92 -12.55 9.90 6.79
C LYS A 92 -13.90 9.66 7.45
N GLU A 93 -14.41 8.44 7.30
CA GLU A 93 -15.70 8.06 7.89
C GLU A 93 -15.56 7.62 9.35
N GLY A 94 -14.34 7.63 9.86
CA GLY A 94 -14.13 7.24 11.24
C GLY A 94 -13.84 5.77 11.50
N ALA A 95 -13.55 5.01 10.46
CA ALA A 95 -13.23 3.59 10.62
C ALA A 95 -11.72 3.42 10.42
N ASN A 96 -11.06 2.75 11.37
CA ASN A 96 -9.62 2.56 11.30
C ASN A 96 -9.18 1.45 10.36
N ALA A 97 -9.28 1.73 9.08
CA ALA A 97 -8.93 0.77 8.05
C ALA A 97 -7.43 0.59 7.87
N ILE A 98 -7.04 -0.64 7.57
CA ILE A 98 -5.66 -0.99 7.29
C ILE A 98 -5.68 -1.80 5.99
N GLY A 99 -5.00 -1.30 4.96
CA GLY A 99 -4.98 -1.98 3.67
C GLY A 99 -3.80 -2.91 3.50
N LEU A 100 -4.08 -4.11 3.00
CA LEU A 100 -3.03 -5.11 2.78
C LEU A 100 -3.25 -5.89 1.50
N SER A 101 -2.15 -6.27 0.86
CA SER A 101 -2.22 -7.10 -0.34
C SER A 101 -1.87 -8.51 0.15
N GLY A 102 -2.05 -9.51 -0.70
CA GLY A 102 -1.73 -10.86 -0.31
C GLY A 102 -0.25 -11.10 -0.04
N LEU A 103 0.60 -10.22 -0.56
CA LEU A 103 2.05 -10.34 -0.37
C LEU A 103 2.48 -9.97 1.06
N ASP A 104 1.75 -9.02 1.63
CA ASP A 104 2.06 -8.51 2.96
C ASP A 104 1.84 -9.52 4.08
N GLY A 105 2.93 -9.81 4.80
CA GLY A 105 2.86 -10.79 5.89
C GLY A 105 2.40 -12.14 5.35
N ARG A 106 2.58 -12.35 4.05
CA ARG A 106 2.17 -13.59 3.39
C ARG A 106 0.70 -13.84 3.67
N LEU A 107 -0.09 -12.77 3.59
CA LEU A 107 -1.53 -12.85 3.82
C LEU A 107 -2.25 -13.88 2.95
N PHE A 108 -1.95 -13.89 1.64
CA PHE A 108 -2.57 -14.84 0.72
C PHE A 108 -1.49 -15.62 -0.02
N VAL A 109 -1.49 -16.94 0.14
CA VAL A 109 -0.50 -17.78 -0.51
C VAL A 109 -1.18 -18.87 -1.34
N GLY A 110 -0.64 -19.14 -2.53
CA GLY A 110 -1.23 -20.15 -3.38
C GLY A 110 -0.28 -20.70 -4.41
N ARG A 111 -0.83 -21.43 -5.38
CA ARG A 111 -0.01 -22.05 -6.41
C ARG A 111 -0.07 -21.28 -7.73
N ARG A 112 1.08 -21.02 -8.31
CA ARG A 112 1.16 -20.32 -9.59
C ARG A 112 0.82 -21.28 -10.72
N LYS A 113 0.07 -20.81 -11.70
CA LYS A 113 -0.30 -21.63 -12.86
C LYS A 113 0.96 -22.09 -13.57
N ASP A 130 3.36 -16.66 -17.34
CA ASP A 130 2.10 -16.16 -16.78
C ASP A 130 2.16 -16.14 -15.25
N TYR A 131 2.01 -14.95 -14.67
CA TYR A 131 2.05 -14.80 -13.23
C TYR A 131 0.64 -14.74 -12.66
N THR A 132 -0.04 -15.87 -12.71
CA THR A 132 -1.41 -16.00 -12.21
C THR A 132 -1.50 -17.30 -11.44
N GLY A 133 -2.43 -17.36 -10.49
CA GLY A 133 -2.57 -18.57 -9.71
C GLY A 133 -3.73 -18.54 -8.75
N THR A 134 -3.72 -19.48 -7.82
CA THR A 134 -4.79 -19.60 -6.84
C THR A 134 -4.33 -19.19 -5.44
N VAL A 135 -5.29 -19.13 -4.52
CA VAL A 135 -4.99 -18.83 -3.13
C VAL A 135 -5.50 -20.05 -2.37
N GLU A 136 -4.61 -20.68 -1.60
CA GLU A 136 -4.97 -21.87 -0.84
C GLU A 136 -4.81 -21.66 0.66
N GLU A 137 -3.98 -20.68 1.04
CA GLU A 137 -3.73 -20.40 2.45
C GLU A 137 -3.89 -18.93 2.77
N VAL A 138 -4.42 -18.65 3.96
CA VAL A 138 -4.61 -17.27 4.40
C VAL A 138 -3.93 -17.11 5.75
N ASN A 139 -3.22 -16.00 5.94
CA ASN A 139 -2.58 -15.75 7.23
C ASN A 139 -3.69 -15.24 8.15
N LYS A 140 -4.52 -16.16 8.61
CA LYS A 140 -5.63 -15.79 9.49
C LYS A 140 -5.16 -15.21 10.81
N ALA A 141 -3.99 -15.65 11.28
CA ALA A 141 -3.45 -15.14 12.54
C ALA A 141 -3.20 -13.65 12.43
N LEU A 142 -2.68 -13.20 11.29
CA LEU A 142 -2.41 -11.77 11.09
C LEU A 142 -3.72 -10.98 11.08
N LEU A 143 -4.73 -11.48 10.38
CA LEU A 143 -6.02 -10.80 10.32
C LEU A 143 -6.67 -10.75 11.71
N ASP A 144 -6.59 -11.86 12.45
CA ASP A 144 -7.18 -11.91 13.78
C ASP A 144 -6.46 -10.93 14.71
N LEU A 145 -5.15 -10.83 14.54
CA LEU A 145 -4.34 -9.91 15.34
C LEU A 145 -4.83 -8.48 15.10
N LEU A 146 -5.02 -8.12 13.84
CA LEU A 146 -5.47 -6.77 13.49
C LEU A 146 -6.92 -6.52 13.89
N LEU A 147 -7.78 -7.51 13.67
CA LEU A 147 -9.18 -7.36 14.06
C LEU A 147 -9.29 -7.11 15.56
N GLN A 148 -8.56 -7.89 16.34
CA GLN A 148 -8.59 -7.76 17.80
C GLN A 148 -8.01 -6.43 18.28
N ALA A 149 -7.07 -5.87 17.51
CA ALA A 149 -6.45 -4.61 17.87
C ALA A 149 -7.32 -3.43 17.45
N GLY A 150 -8.45 -3.72 16.82
CA GLY A 150 -9.37 -2.67 16.41
C GLY A 150 -9.23 -2.08 15.02
N TYR A 151 -8.65 -2.84 14.09
CA TYR A 151 -8.48 -2.34 12.73
C TYR A 151 -9.45 -3.03 11.77
N LEU A 152 -9.81 -2.35 10.68
CA LEU A 152 -10.69 -2.88 9.66
C LEU A 152 -9.84 -3.24 8.43
N PRO A 153 -9.57 -4.54 8.22
CA PRO A 153 -8.76 -4.96 7.07
C PRO A 153 -9.42 -4.75 5.71
N VAL A 154 -8.69 -4.10 4.81
CA VAL A 154 -9.13 -3.83 3.44
C VAL A 154 -8.12 -4.59 2.59
N LEU A 155 -8.53 -5.75 2.09
CA LEU A 155 -7.64 -6.65 1.37
C LEU A 155 -7.73 -6.71 -0.15
N THR A 156 -6.63 -7.07 -0.79
CA THR A 156 -6.59 -7.15 -2.24
C THR A 156 -5.48 -8.05 -2.80
N PRO A 157 -5.67 -8.56 -4.02
CA PRO A 157 -4.64 -9.40 -4.62
C PRO A 157 -3.54 -8.38 -4.96
N PRO A 158 -2.38 -8.83 -5.46
CA PRO A 158 -1.96 -10.20 -5.75
C PRO A 158 -1.69 -11.07 -4.54
N ALA A 159 -1.47 -12.35 -4.81
CA ALA A 159 -1.16 -13.32 -3.77
C ALA A 159 0.29 -13.67 -3.95
N LEU A 160 0.81 -14.48 -3.03
CA LEU A 160 2.21 -14.90 -3.07
C LEU A 160 2.20 -16.39 -3.39
N SER A 161 2.97 -16.79 -4.40
CA SER A 161 3.00 -18.21 -4.76
C SER A 161 3.88 -18.95 -3.75
N TYR A 162 3.88 -20.27 -3.82
CA TYR A 162 4.69 -21.08 -2.91
C TYR A 162 6.17 -20.82 -3.17
N GLU A 163 6.48 -20.19 -4.29
CA GLU A 163 7.86 -19.85 -4.62
C GLU A 163 8.11 -18.37 -4.33
N ASN A 164 7.21 -17.77 -3.56
CA ASN A 164 7.31 -16.36 -3.18
C ASN A 164 7.28 -15.39 -4.36
N GLU A 165 6.51 -15.74 -5.39
CA GLU A 165 6.38 -14.88 -6.56
C GLU A 165 5.02 -14.20 -6.50
N ALA A 166 4.96 -12.90 -6.75
CA ALA A 166 3.69 -12.19 -6.75
C ALA A 166 2.89 -12.72 -7.93
N ILE A 167 1.63 -13.07 -7.71
CA ILE A 167 0.77 -13.58 -8.78
C ILE A 167 -0.64 -13.01 -8.75
N ASN A 168 -1.18 -12.77 -9.94
CA ASN A 168 -2.54 -12.29 -10.08
C ASN A 168 -3.40 -13.45 -9.62
N THR A 169 -4.52 -13.17 -8.99
CA THR A 169 -5.40 -14.23 -8.51
C THR A 169 -6.84 -13.71 -8.46
N ASP A 170 -7.79 -14.63 -8.38
CA ASP A 170 -9.21 -14.31 -8.35
C ASP A 170 -9.69 -13.72 -7.01
N GLY A 171 -10.03 -12.44 -7.02
CA GLY A 171 -10.51 -11.78 -5.81
C GLY A 171 -11.78 -12.37 -5.25
N ASP A 172 -12.66 -12.87 -6.12
CA ASP A 172 -13.91 -13.47 -5.67
C ASP A 172 -13.63 -14.73 -4.85
N GLN A 173 -12.59 -15.46 -5.23
CA GLN A 173 -12.23 -16.68 -4.52
C GLN A 173 -11.56 -16.35 -3.19
N ILE A 174 -10.83 -15.23 -3.15
CA ILE A 174 -10.20 -14.81 -1.90
C ILE A 174 -11.31 -14.56 -0.88
N ALA A 175 -12.30 -13.78 -1.29
CA ALA A 175 -13.42 -13.45 -0.42
C ALA A 175 -14.17 -14.70 0.04
N ALA A 176 -14.36 -15.66 -0.87
CA ALA A 176 -15.06 -16.89 -0.53
C ALA A 176 -14.27 -17.67 0.51
N LEU A 177 -12.96 -17.78 0.29
CA LEU A 177 -12.11 -18.51 1.22
C LEU A 177 -12.13 -17.85 2.60
N LEU A 178 -12.07 -16.52 2.64
CA LEU A 178 -12.10 -15.82 3.92
C LEU A 178 -13.42 -16.12 4.62
N ALA A 179 -14.50 -16.10 3.85
CA ALA A 179 -15.83 -16.37 4.39
C ALA A 179 -15.93 -17.76 5.01
N THR A 180 -15.35 -18.77 4.34
CA THR A 180 -15.41 -20.13 4.86
C THR A 180 -14.51 -20.31 6.09
N LEU A 181 -13.33 -19.69 6.08
CA LEU A 181 -12.41 -19.79 7.21
C LEU A 181 -13.00 -19.15 8.47
N TYR A 182 -13.79 -18.10 8.30
CA TYR A 182 -14.40 -17.41 9.43
C TYR A 182 -15.84 -17.85 9.72
N GLY A 183 -16.39 -18.71 8.86
CA GLY A 183 -17.76 -19.14 9.07
C GLY A 183 -18.65 -17.91 9.04
N ALA A 184 -18.36 -17.02 8.11
CA ALA A 184 -19.11 -15.77 7.96
C ALA A 184 -20.62 -16.02 7.88
N GLU A 185 -21.39 -15.14 8.52
CA GLU A 185 -22.84 -15.27 8.49
C GLU A 185 -23.34 -14.80 7.13
N ALA A 186 -22.51 -14.02 6.44
CA ALA A 186 -22.88 -13.51 5.13
C ALA A 186 -21.69 -13.06 4.30
N LEU A 187 -21.71 -13.44 3.02
CA LEU A 187 -20.67 -13.07 2.07
C LEU A 187 -21.38 -12.19 1.04
N VAL A 188 -20.93 -10.95 0.90
CA VAL A 188 -21.55 -10.04 -0.03
C VAL A 188 -20.67 -9.65 -1.21
N TYR A 189 -21.23 -9.78 -2.41
CA TYR A 189 -20.54 -9.42 -3.64
C TYR A 189 -21.23 -8.18 -4.21
N LEU A 190 -20.49 -7.08 -4.30
CA LEU A 190 -21.04 -5.84 -4.83
C LEU A 190 -20.50 -5.58 -6.23
N SER A 191 -21.39 -5.27 -7.16
CA SER A 191 -20.97 -4.98 -8.53
C SER A 191 -21.76 -3.78 -9.08
N ASN A 192 -21.65 -3.54 -10.37
CA ASN A 192 -22.33 -2.41 -10.99
C ASN A 192 -23.74 -2.72 -11.48
N VAL A 193 -24.38 -3.70 -10.85
CA VAL A 193 -25.75 -4.10 -11.18
C VAL A 193 -26.45 -4.57 -9.90
N PRO A 194 -27.80 -4.48 -9.87
CA PRO A 194 -28.57 -4.89 -8.70
C PRO A 194 -28.38 -6.33 -8.22
N GLY A 195 -27.73 -7.14 -9.03
CA GLY A 195 -27.50 -8.52 -8.64
C GLY A 195 -27.29 -9.40 -9.85
N LEU A 196 -27.65 -10.68 -9.72
CA LEU A 196 -27.50 -11.61 -10.82
C LEU A 196 -28.59 -11.32 -11.83
N LEU A 197 -28.19 -10.90 -13.03
CA LEU A 197 -29.15 -10.59 -14.07
C LEU A 197 -29.12 -11.67 -15.12
N ALA A 198 -30.17 -12.48 -15.17
CA ALA A 198 -30.28 -13.56 -16.13
C ALA A 198 -30.19 -13.01 -17.55
N PRO A 201 -28.37 -7.66 -19.71
CA PRO A 201 -28.11 -6.36 -19.09
C PRO A 201 -29.27 -5.56 -18.49
N ASP A 202 -30.50 -6.05 -18.57
CA ASP A 202 -31.61 -5.27 -18.00
C ASP A 202 -31.63 -5.32 -16.48
N GLU A 203 -32.68 -4.75 -15.88
CA GLU A 203 -32.76 -4.66 -14.44
C GLU A 203 -34.02 -5.12 -13.74
N ALA A 204 -34.96 -5.66 -14.50
CA ALA A 204 -36.16 -6.22 -13.91
C ALA A 204 -35.78 -7.69 -14.01
N SER A 205 -34.81 -7.93 -14.89
CA SER A 205 -34.26 -9.25 -15.21
C SER A 205 -33.38 -9.88 -14.13
N LEU A 206 -33.54 -9.43 -12.88
CA LEU A 206 -32.73 -9.95 -11.77
C LEU A 206 -33.32 -11.17 -11.08
N VAL A 207 -32.46 -12.11 -10.70
CA VAL A 207 -32.87 -13.32 -9.99
C VAL A 207 -32.88 -12.97 -8.50
N ARG A 208 -34.00 -13.26 -7.83
CA ARG A 208 -34.14 -12.96 -6.42
C ARG A 208 -33.44 -13.96 -5.50
N GLU A 209 -33.74 -15.23 -5.67
CA GLU A 209 -33.14 -16.26 -4.82
C GLU A 209 -32.72 -17.52 -5.54
N ILE A 210 -31.76 -18.23 -4.94
CA ILE A 210 -31.23 -19.48 -5.47
C ILE A 210 -30.83 -20.34 -4.27
N PRO A 211 -31.60 -21.39 -3.98
CA PRO A 211 -31.27 -22.26 -2.84
C PRO A 211 -29.87 -22.88 -2.98
N VAL A 212 -29.13 -22.90 -1.87
CA VAL A 212 -27.77 -23.45 -1.84
C VAL A 212 -27.64 -24.78 -2.55
N GLU A 213 -28.58 -25.68 -2.29
CA GLU A 213 -28.58 -27.02 -2.86
C GLU A 213 -28.37 -27.00 -4.38
N ARG A 214 -29.10 -26.11 -5.04
CA ARG A 214 -29.07 -25.97 -6.49
C ARG A 214 -27.79 -25.32 -7.00
N ILE A 215 -27.45 -24.17 -6.42
CA ILE A 215 -26.25 -23.44 -6.82
C ILE A 215 -25.02 -24.34 -6.73
N GLU A 216 -25.07 -25.33 -5.84
CA GLU A 216 -23.96 -26.27 -5.67
C GLU A 216 -23.96 -27.39 -6.71
N ASP A 217 -25.14 -27.73 -7.19
CA ASP A 217 -25.29 -28.79 -8.17
C ASP A 217 -24.61 -28.46 -9.50
N PRO A 218 -23.66 -29.31 -9.93
CA PRO A 218 -22.94 -29.08 -11.19
C PRO A 218 -23.83 -29.19 -12.43
N GLU A 219 -24.95 -29.89 -12.30
CA GLU A 219 -25.87 -30.04 -13.42
C GLU A 219 -26.53 -28.70 -13.69
N TYR A 220 -26.93 -28.03 -12.60
CA TYR A 220 -27.55 -26.72 -12.66
C TYR A 220 -26.61 -25.73 -13.33
N LEU A 221 -25.43 -25.57 -12.75
CA LEU A 221 -24.42 -24.65 -13.25
C LEU A 221 -24.08 -24.87 -14.72
N ALA A 222 -24.19 -26.12 -15.18
CA ALA A 222 -23.88 -26.47 -16.57
C ALA A 222 -24.89 -25.90 -17.56
N LEU A 223 -26.04 -25.46 -17.05
CA LEU A 223 -27.08 -24.90 -17.91
C LEU A 223 -27.02 -23.38 -17.95
N ALA A 224 -26.24 -22.79 -17.05
CA ALA A 224 -26.14 -21.34 -16.97
C ALA A 224 -25.31 -20.68 -18.08
N GLN A 225 -25.63 -19.44 -18.37
CA GLN A 225 -24.90 -18.68 -19.38
C GLN A 225 -23.51 -18.40 -18.80
N GLY A 226 -22.53 -18.12 -19.67
CA GLY A 226 -21.18 -17.86 -19.19
C GLY A 226 -21.15 -16.71 -18.20
N ARG A 227 -21.91 -15.67 -18.52
CA ARG A 227 -22.03 -14.47 -17.68
C ARG A 227 -22.28 -14.85 -16.22
N MET A 228 -23.32 -15.65 -16.01
CA MET A 228 -23.73 -16.09 -14.68
C MET A 228 -22.85 -17.15 -14.04
N LYS A 229 -22.37 -18.10 -14.83
CA LYS A 229 -21.53 -19.15 -14.27
C LYS A 229 -20.25 -18.53 -13.71
N ARG A 230 -19.74 -17.51 -14.39
CA ARG A 230 -18.52 -16.84 -13.97
C ARG A 230 -18.74 -16.00 -12.71
N LYS A 231 -19.85 -15.29 -12.67
CA LYS A 231 -20.17 -14.43 -11.54
C LYS A 231 -20.52 -15.14 -10.23
N VAL A 232 -21.02 -16.38 -10.32
CA VAL A 232 -21.42 -17.11 -9.11
C VAL A 232 -20.41 -18.11 -8.55
N MET A 233 -19.30 -18.33 -9.24
CA MET A 233 -18.31 -19.30 -8.76
C MET A 233 -17.83 -19.04 -7.33
N GLY A 234 -17.69 -17.76 -6.97
CA GLY A 234 -17.25 -17.44 -5.62
C GLY A 234 -18.29 -17.88 -4.61
N ALA A 235 -19.55 -17.60 -4.93
CA ALA A 235 -20.67 -17.97 -4.06
C ALA A 235 -20.78 -19.49 -3.95
N VAL A 236 -20.45 -20.17 -5.04
CA VAL A 236 -20.50 -21.63 -5.08
C VAL A 236 -19.55 -22.26 -4.08
N GLU A 237 -18.31 -21.76 -4.07
CA GLU A 237 -17.30 -22.29 -3.16
C GLU A 237 -17.66 -22.02 -1.70
N ALA A 238 -18.18 -20.83 -1.43
CA ALA A 238 -18.54 -20.43 -0.07
C ALA A 238 -19.60 -21.31 0.60
N VAL A 239 -20.74 -21.50 -0.08
CA VAL A 239 -21.82 -22.30 0.49
C VAL A 239 -21.39 -23.74 0.75
N LYS A 240 -20.59 -24.30 -0.15
CA LYS A 240 -20.12 -25.66 0.03
C LYS A 240 -19.15 -25.70 1.20
N GLY A 241 -18.61 -24.53 1.55
CA GLY A 241 -17.68 -24.44 2.66
C GLY A 241 -18.35 -24.11 3.98
N GLY A 242 -19.68 -23.97 3.96
CA GLY A 242 -20.38 -23.67 5.19
C GLY A 242 -21.06 -22.31 5.27
N VAL A 243 -20.59 -21.34 4.50
CA VAL A 243 -21.17 -19.99 4.53
C VAL A 243 -22.69 -20.11 4.38
N LYS A 244 -23.41 -19.55 5.35
CA LYS A 244 -24.86 -19.62 5.37
C LYS A 244 -25.60 -18.73 4.37
N ARG A 245 -25.01 -17.61 4.02
CA ARG A 245 -25.68 -16.70 3.08
C ARG A 245 -24.73 -15.90 2.20
N VAL A 246 -25.00 -15.92 0.91
CA VAL A 246 -24.20 -15.19 -0.06
C VAL A 246 -25.17 -14.29 -0.80
N VAL A 247 -24.79 -13.03 -0.99
CA VAL A 247 -25.65 -12.09 -1.67
C VAL A 247 -24.91 -11.25 -2.72
N PHE A 248 -25.54 -11.11 -3.88
CA PHE A 248 -25.00 -10.33 -4.97
C PHE A 248 -25.86 -9.08 -5.01
N ALA A 249 -25.23 -7.91 -4.84
CA ALA A 249 -25.99 -6.67 -4.82
C ALA A 249 -25.33 -5.53 -5.57
N ASP A 250 -25.99 -4.38 -5.55
CA ASP A 250 -25.54 -3.18 -6.24
C ASP A 250 -24.53 -2.39 -5.41
N GLY A 251 -23.38 -2.12 -6.01
CA GLY A 251 -22.35 -1.34 -5.32
C GLY A 251 -22.34 0.10 -5.80
N ARG A 252 -23.43 0.51 -6.45
CA ARG A 252 -23.55 1.86 -6.98
C ARG A 252 -24.46 2.74 -6.11
N VAL A 253 -25.22 2.10 -5.22
CA VAL A 253 -26.16 2.80 -4.36
C VAL A 253 -25.72 3.03 -2.91
N GLU A 254 -26.40 3.96 -2.24
CA GLU A 254 -26.11 4.26 -0.84
C GLU A 254 -26.54 3.07 -0.02
N ASN A 255 -25.89 2.88 1.13
CA ASN A 255 -26.20 1.75 2.00
C ASN A 255 -26.13 0.44 1.19
N PRO A 256 -25.13 0.32 0.30
CA PRO A 256 -25.00 -0.89 -0.52
C PRO A 256 -24.85 -2.18 0.27
N ILE A 257 -24.15 -2.11 1.40
CA ILE A 257 -23.95 -3.29 2.21
C ILE A 257 -25.19 -3.64 3.04
N ARG A 258 -25.76 -2.63 3.70
CA ARG A 258 -26.96 -2.86 4.52
C ARG A 258 -28.11 -3.41 3.67
N ARG A 259 -28.24 -2.90 2.45
CA ARG A 259 -29.30 -3.34 1.55
C ARG A 259 -29.07 -4.78 1.10
N ALA A 260 -27.81 -5.14 0.89
CA ALA A 260 -27.46 -6.49 0.47
C ALA A 260 -27.79 -7.44 1.60
N LEU A 261 -27.53 -7.00 2.83
CA LEU A 261 -27.80 -7.82 4.01
C LEU A 261 -29.30 -7.93 4.27
N SER A 262 -30.09 -7.06 3.65
CA SER A 262 -31.53 -7.07 3.82
C SER A 262 -32.26 -7.88 2.76
N GLY A 263 -31.52 -8.42 1.79
CA GLY A 263 -32.14 -9.21 0.75
C GLY A 263 -32.20 -8.57 -0.62
N GLU A 264 -31.87 -7.29 -0.70
CA GLU A 264 -31.89 -6.61 -1.99
C GLU A 264 -30.79 -7.18 -2.88
N GLY A 265 -31.19 -7.80 -3.98
CA GLY A 265 -30.23 -8.41 -4.89
C GLY A 265 -30.52 -9.89 -5.00
N THR A 266 -29.49 -10.68 -5.26
CA THR A 266 -29.65 -12.13 -5.39
C THR A 266 -29.16 -12.80 -4.11
N VAL A 267 -30.08 -13.48 -3.43
CA VAL A 267 -29.75 -14.18 -2.19
C VAL A 267 -29.61 -15.67 -2.42
N VAL A 268 -28.50 -16.23 -1.93
CA VAL A 268 -28.23 -17.65 -2.06
C VAL A 268 -28.13 -18.27 -0.66
N ARG A 269 -28.99 -19.23 -0.38
CA ARG A 269 -28.98 -19.92 0.90
C ARG A 269 -30.12 -20.94 1.02
N MET B 1 17.29 -1.40 17.61
CA MET B 1 16.51 -1.05 16.39
C MET B 1 17.34 -0.27 15.41
N ILE B 2 17.20 -0.60 14.12
CA ILE B 2 17.89 0.10 13.06
C ILE B 2 16.82 0.52 12.07
N VAL B 3 16.81 1.79 11.70
CA VAL B 3 15.85 2.29 10.75
C VAL B 3 16.59 2.59 9.46
N VAL B 4 16.12 2.01 8.36
CA VAL B 4 16.74 2.21 7.06
C VAL B 4 15.79 2.92 6.12
N LYS B 5 16.25 4.03 5.55
CA LYS B 5 15.46 4.79 4.60
C LYS B 5 16.04 4.54 3.21
N VAL B 6 15.23 3.98 2.32
CA VAL B 6 15.67 3.72 0.97
C VAL B 6 15.27 4.94 0.15
N GLY B 7 16.26 5.59 -0.45
CA GLY B 7 15.98 6.78 -1.26
C GLY B 7 15.16 6.49 -2.50
N GLY B 8 14.64 7.56 -3.11
CA GLY B 8 13.83 7.41 -4.31
C GLY B 8 14.55 7.83 -5.57
N ALA B 9 15.79 8.29 -5.43
CA ALA B 9 16.58 8.71 -6.58
C ALA B 9 16.76 7.54 -7.54
N GLU B 10 17.03 7.86 -8.79
CA GLU B 10 17.23 6.85 -9.82
C GLU B 10 18.49 6.02 -9.52
N GLY B 11 18.44 4.73 -9.82
CA GLY B 11 19.60 3.86 -9.60
C GLY B 11 19.64 2.99 -8.36
N ILE B 12 18.63 3.07 -7.50
CA ILE B 12 18.62 2.25 -6.29
C ILE B 12 18.58 0.77 -6.65
N ASN B 13 19.45 -0.02 -6.02
CA ASN B 13 19.49 -1.45 -6.27
C ASN B 13 18.59 -2.15 -5.24
N TYR B 14 17.30 -2.26 -5.57
CA TYR B 14 16.35 -2.88 -4.67
C TYR B 14 16.70 -4.32 -4.30
N GLU B 15 17.17 -5.09 -5.28
CA GLU B 15 17.55 -6.47 -5.04
C GLU B 15 18.61 -6.53 -3.92
N ALA B 16 19.64 -5.71 -4.02
CA ALA B 16 20.71 -5.70 -3.02
C ALA B 16 20.21 -5.24 -1.65
N VAL B 17 19.35 -4.21 -1.65
CA VAL B 17 18.79 -3.70 -0.40
C VAL B 17 17.98 -4.78 0.31
N ALA B 18 17.11 -5.45 -0.44
CA ALA B 18 16.27 -6.51 0.12
C ALA B 18 17.08 -7.68 0.64
N LYS B 19 18.10 -8.08 -0.12
CA LYS B 19 18.93 -9.20 0.30
C LYS B 19 19.62 -8.89 1.62
N ASP B 20 20.12 -7.66 1.75
CA ASP B 20 20.84 -7.28 2.95
C ASP B 20 19.90 -7.09 4.15
N ALA B 21 18.78 -6.42 3.93
CA ALA B 21 17.82 -6.21 5.01
C ALA B 21 17.28 -7.55 5.50
N ALA B 22 16.97 -8.43 4.57
CA ALA B 22 16.45 -9.76 4.92
C ALA B 22 17.48 -10.56 5.72
N SER B 23 18.75 -10.51 5.32
CA SER B 23 19.78 -11.27 6.02
C SER B 23 19.93 -10.75 7.44
N LEU B 24 19.86 -9.44 7.63
CA LEU B 24 19.96 -8.86 8.96
C LEU B 24 18.75 -9.30 9.80
N TRP B 25 17.56 -9.21 9.20
CA TRP B 25 16.32 -9.59 9.88
C TRP B 25 16.37 -11.06 10.31
N LYS B 26 16.85 -11.93 9.41
CA LYS B 26 16.94 -13.36 9.73
C LYS B 26 18.00 -13.64 10.80
N GLU B 27 18.85 -12.65 11.08
CA GLU B 27 19.88 -12.80 12.10
C GLU B 27 19.39 -12.21 13.43
N GLY B 28 18.13 -11.82 13.47
CA GLY B 28 17.58 -11.25 14.69
C GLY B 28 17.78 -9.76 14.90
N VAL B 29 18.27 -9.06 13.88
CA VAL B 29 18.46 -7.61 13.99
C VAL B 29 17.11 -6.93 13.75
N LYS B 30 16.64 -6.17 14.73
CA LYS B 30 15.35 -5.47 14.60
C LYS B 30 15.51 -4.33 13.59
N LEU B 31 14.61 -4.30 12.62
CA LEU B 31 14.64 -3.29 11.56
C LEU B 31 13.28 -2.72 11.19
N LEU B 32 13.32 -1.50 10.66
CA LEU B 32 12.15 -0.82 10.14
C LEU B 32 12.64 -0.25 8.82
N LEU B 33 11.91 -0.51 7.75
CA LEU B 33 12.28 -0.01 6.44
C LEU B 33 11.30 1.06 6.00
N VAL B 34 11.82 2.16 5.47
CA VAL B 34 11.00 3.25 4.96
C VAL B 34 11.57 3.48 3.57
N HIS B 35 10.70 3.59 2.56
CA HIS B 35 11.22 3.81 1.20
C HIS B 35 10.54 5.00 0.53
N GLY B 36 10.92 5.25 -0.71
CA GLY B 36 10.35 6.36 -1.45
C GLY B 36 9.88 5.93 -2.83
N GLY B 37 10.07 6.82 -3.81
CA GLY B 37 9.67 6.52 -5.16
C GLY B 37 9.54 7.76 -6.03
N SER B 38 10.26 8.83 -5.69
CA SER B 38 10.19 10.08 -6.44
C SER B 38 10.56 9.95 -7.92
N ALA B 39 11.73 9.38 -8.20
CA ALA B 39 12.18 9.23 -9.59
C ALA B 39 11.20 8.42 -10.43
N GLU B 40 10.77 7.27 -9.91
CA GLU B 40 9.84 6.43 -10.64
C GLU B 40 8.46 7.08 -10.77
N THR B 41 8.11 7.92 -9.80
CA THR B 41 6.83 8.62 -9.83
C THR B 41 6.86 9.66 -10.94
N ASN B 42 7.97 10.38 -11.06
CA ASN B 42 8.12 11.40 -12.09
C ASN B 42 7.95 10.78 -13.47
N LYS B 43 8.59 9.64 -13.67
CA LYS B 43 8.52 8.94 -14.95
C LYS B 43 7.10 8.50 -15.28
N VAL B 44 6.42 7.89 -14.31
CA VAL B 44 5.05 7.44 -14.52
C VAL B 44 4.10 8.61 -14.74
N ALA B 45 4.35 9.71 -14.05
CA ALA B 45 3.51 10.91 -14.19
C ALA B 45 3.61 11.44 -15.62
N GLU B 46 4.81 11.45 -16.16
CA GLU B 46 5.04 11.91 -17.54
C GLU B 46 4.31 10.99 -18.50
N ALA B 47 4.49 9.69 -18.31
CA ALA B 47 3.86 8.70 -19.16
C ALA B 47 2.33 8.83 -19.19
N LEU B 48 1.73 9.13 -18.04
CA LEU B 48 0.28 9.27 -17.95
C LEU B 48 -0.21 10.64 -18.41
N GLY B 49 0.70 11.45 -18.96
CA GLY B 49 0.31 12.77 -19.44
C GLY B 49 0.11 13.82 -18.37
N HIS B 50 0.69 13.62 -17.19
CA HIS B 50 0.57 14.58 -16.11
C HIS B 50 1.96 14.94 -15.59
N PRO B 51 2.78 15.59 -16.43
CA PRO B 51 4.14 15.98 -16.07
C PRO B 51 4.23 16.58 -14.67
N PRO B 52 5.28 16.23 -13.92
CA PRO B 52 5.46 16.75 -12.57
C PRO B 52 5.70 18.26 -12.59
N ARG B 53 5.16 18.94 -11.58
CA ARG B 53 5.34 20.38 -11.44
C ARG B 53 5.95 20.62 -10.08
N PHE B 54 7.09 21.32 -10.05
CA PHE B 54 7.78 21.59 -8.81
C PHE B 54 7.81 23.05 -8.45
N LEU B 55 7.64 23.33 -7.16
CA LEU B 55 7.67 24.69 -6.66
C LEU B 55 8.99 24.95 -5.98
N THR B 56 9.77 25.86 -6.54
CA THR B 56 11.04 26.23 -5.96
C THR B 56 10.68 27.20 -4.85
N HIS B 57 10.91 26.79 -3.61
CA HIS B 57 10.57 27.63 -2.46
C HIS B 57 11.47 28.85 -2.30
N PRO B 58 10.92 29.88 -1.67
CA PRO B 58 11.63 31.12 -1.42
C PRO B 58 13.00 30.89 -0.80
N GLY B 59 13.16 29.76 -0.12
CA GLY B 59 14.43 29.43 0.53
C GLY B 59 15.24 28.35 -0.18
N GLY B 60 14.97 28.14 -1.47
CA GLY B 60 15.71 27.16 -2.23
C GLY B 60 15.19 25.74 -2.33
N GLN B 61 14.55 25.23 -1.29
CA GLN B 61 14.03 23.87 -1.34
C GLN B 61 12.98 23.69 -2.42
N VAL B 62 13.01 22.54 -3.08
CA VAL B 62 12.06 22.22 -4.15
C VAL B 62 11.02 21.21 -3.68
N SER B 63 9.77 21.43 -4.04
CA SER B 63 8.69 20.53 -3.65
C SER B 63 7.70 20.24 -4.78
N ARG B 64 7.26 19.00 -4.84
CA ARG B 64 6.31 18.55 -5.85
C ARG B 64 4.94 19.15 -5.62
N LEU B 65 4.40 19.82 -6.63
CA LEU B 65 3.07 20.41 -6.54
C LEU B 65 2.14 19.20 -6.55
N THR B 66 1.45 18.97 -5.44
CA THR B 66 0.60 17.80 -5.34
C THR B 66 -0.91 18.03 -5.31
N ASP B 67 -1.54 18.02 -6.48
CA ASP B 67 -2.98 18.16 -6.55
C ASP B 67 -3.54 16.76 -6.37
N ARG B 68 -4.85 16.61 -6.43
CA ARG B 68 -5.48 15.30 -6.23
C ARG B 68 -4.99 14.23 -7.21
N LYS B 69 -4.91 14.57 -8.49
CA LYS B 69 -4.47 13.63 -9.51
C LYS B 69 -3.03 13.18 -9.30
N THR B 70 -2.15 14.10 -8.93
CA THR B 70 -0.75 13.77 -8.70
C THR B 70 -0.64 12.83 -7.50
N LEU B 71 -1.48 13.07 -6.49
CA LEU B 71 -1.47 12.25 -5.29
C LEU B 71 -1.84 10.80 -5.64
N GLU B 72 -2.77 10.63 -6.58
CA GLU B 72 -3.17 9.29 -7.00
C GLU B 72 -2.02 8.57 -7.71
N ILE B 73 -1.27 9.32 -8.52
CA ILE B 73 -0.14 8.74 -9.24
C ILE B 73 0.94 8.41 -8.21
N PHE B 74 1.07 9.30 -7.23
CA PHE B 74 2.03 9.13 -6.14
C PHE B 74 1.72 7.81 -5.44
N GLU B 75 0.45 7.59 -5.10
CA GLU B 75 0.05 6.37 -4.42
C GLU B 75 0.28 5.11 -5.28
N MET B 76 0.02 5.22 -6.57
CA MET B 76 0.22 4.08 -7.47
C MET B 76 1.67 3.62 -7.42
N VAL B 77 2.60 4.56 -7.53
CA VAL B 77 4.02 4.24 -7.53
C VAL B 77 4.58 3.88 -6.15
N TYR B 78 4.40 4.78 -5.18
CA TYR B 78 4.91 4.53 -3.83
C TYR B 78 4.24 3.34 -3.15
N CYS B 79 2.92 3.39 -3.03
CA CYS B 79 2.15 2.37 -2.34
C CYS B 79 1.91 1.08 -3.13
N GLY B 80 1.92 1.18 -4.46
CA GLY B 80 1.69 0.00 -5.26
C GLY B 80 2.98 -0.60 -5.81
N LEU B 81 3.58 0.08 -6.78
CA LEU B 81 4.79 -0.41 -7.43
C LEU B 81 5.97 -0.68 -6.50
N VAL B 82 6.51 0.37 -5.88
CA VAL B 82 7.68 0.22 -5.03
C VAL B 82 7.43 -0.60 -3.76
N ASN B 83 6.37 -0.28 -3.03
CA ASN B 83 6.08 -0.99 -1.79
C ASN B 83 5.95 -2.50 -2.01
N LYS B 84 5.15 -2.90 -2.99
CA LYS B 84 4.96 -4.33 -3.23
C LYS B 84 6.16 -5.00 -3.90
N ARG B 85 6.97 -4.23 -4.62
CA ARG B 85 8.17 -4.77 -5.25
C ARG B 85 9.10 -5.21 -4.12
N LEU B 86 9.29 -4.31 -3.16
CA LEU B 86 10.16 -4.55 -2.02
C LEU B 86 9.64 -5.65 -1.09
N VAL B 87 8.34 -5.66 -0.81
CA VAL B 87 7.77 -6.71 0.02
C VAL B 87 8.04 -8.08 -0.62
N GLU B 88 7.80 -8.20 -1.92
CA GLU B 88 8.03 -9.46 -2.62
C GLU B 88 9.51 -9.88 -2.58
N LEU B 89 10.41 -8.93 -2.83
CA LEU B 89 11.84 -9.21 -2.81
C LEU B 89 12.25 -9.73 -1.42
N LEU B 90 11.71 -9.11 -0.38
CA LEU B 90 12.01 -9.52 0.99
C LEU B 90 11.46 -10.93 1.27
N GLN B 91 10.23 -11.19 0.84
CA GLN B 91 9.65 -12.52 1.06
C GLN B 91 10.50 -13.57 0.33
N LYS B 92 10.99 -13.23 -0.86
CA LYS B 92 11.83 -14.17 -1.61
C LYS B 92 13.11 -14.48 -0.83
N GLU B 93 13.57 -13.52 -0.03
CA GLU B 93 14.79 -13.69 0.77
C GLU B 93 14.49 -14.28 2.15
N GLY B 94 13.24 -14.71 2.37
CA GLY B 94 12.89 -15.30 3.66
C GLY B 94 12.54 -14.36 4.80
N ALA B 95 12.32 -13.08 4.52
CA ALA B 95 11.96 -12.12 5.55
C ALA B 95 10.47 -11.82 5.39
N ASN B 96 9.70 -11.98 6.48
CA ASN B 96 8.27 -11.79 6.42
C ASN B 96 7.85 -10.32 6.45
N ALA B 97 8.06 -9.65 5.32
CA ALA B 97 7.74 -8.25 5.19
C ALA B 97 6.25 -7.94 5.09
N ILE B 98 5.86 -6.81 5.67
CA ILE B 98 4.48 -6.37 5.60
C ILE B 98 4.54 -4.90 5.19
N GLY B 99 3.96 -4.58 4.03
CA GLY B 99 4.01 -3.22 3.53
C GLY B 99 2.83 -2.37 3.96
N LEU B 100 3.11 -1.15 4.41
CA LEU B 100 2.07 -0.22 4.86
C LEU B 100 2.38 1.23 4.49
N SER B 101 1.32 2.01 4.25
CA SER B 101 1.48 3.43 3.96
C SER B 101 1.04 4.13 5.24
N GLY B 102 1.29 5.43 5.33
CA GLY B 102 0.89 6.16 6.53
C GLY B 102 -0.62 6.21 6.75
N LEU B 103 -1.40 5.94 5.70
CA LEU B 103 -2.86 5.96 5.82
C LEU B 103 -3.38 4.73 6.57
N ASP B 104 -2.68 3.63 6.38
CA ASP B 104 -3.06 2.36 6.97
C ASP B 104 -2.97 2.31 8.49
N GLY B 105 -4.13 2.14 9.13
CA GLY B 105 -4.18 2.11 10.58
C GLY B 105 -3.72 3.43 11.18
N ARG B 106 -3.75 4.50 10.38
CA ARG B 106 -3.33 5.83 10.81
C ARG B 106 -1.86 5.77 11.23
N LEU B 107 -1.08 4.98 10.49
CA LEU B 107 0.33 4.81 10.77
C LEU B 107 1.12 6.11 10.89
N PHE B 108 0.93 7.03 9.93
CA PHE B 108 1.63 8.31 9.95
C PHE B 108 0.58 9.43 9.86
N VAL B 109 0.56 10.32 10.85
CA VAL B 109 -0.40 11.42 10.88
C VAL B 109 0.32 12.74 10.99
N GLY B 110 -0.15 13.72 10.24
CA GLY B 110 0.48 15.02 10.27
C GLY B 110 -0.42 16.16 9.86
N ARG B 111 0.17 17.33 9.72
CA ARG B 111 -0.56 18.54 9.37
C ARG B 111 -0.41 18.88 7.89
N ARG B 112 -1.53 19.10 7.22
CA ARG B 112 -1.51 19.47 5.82
C ARG B 112 -1.10 20.93 5.70
N LYS B 113 -0.25 21.23 4.73
CA LYS B 113 0.20 22.59 4.49
C LYS B 113 -1.00 23.47 4.21
N THR B 114 -1.23 24.46 5.07
CA THR B 114 -2.36 25.36 4.89
C THR B 114 -2.15 26.14 3.59
N ALA B 115 -0.90 26.55 3.36
CA ALA B 115 -0.54 27.30 2.16
C ALA B 115 0.98 27.18 1.91
N VAL B 116 1.35 27.06 0.64
CA VAL B 116 2.77 26.94 0.26
C VAL B 116 3.27 28.13 -0.55
N LYS B 117 4.37 28.73 -0.10
CA LYS B 117 4.95 29.89 -0.77
C LYS B 117 6.13 29.49 -1.66
N TYR B 118 6.16 30.04 -2.87
CA TYR B 118 7.22 29.74 -3.83
C TYR B 118 7.66 31.00 -4.59
N VAL B 119 8.84 30.94 -5.19
CA VAL B 119 9.37 32.07 -5.95
C VAL B 119 8.92 31.99 -7.41
N LYS B 123 9.35 36.98 -7.89
CA LYS B 123 8.69 37.37 -6.64
C LYS B 123 8.12 36.15 -5.91
N VAL B 124 7.73 36.34 -4.66
CA VAL B 124 7.18 35.27 -3.84
C VAL B 124 5.66 35.17 -3.90
N LYS B 125 5.17 34.01 -4.34
CA LYS B 125 3.73 33.77 -4.44
C LYS B 125 3.34 32.67 -3.46
N VAL B 126 2.06 32.58 -3.15
CA VAL B 126 1.56 31.55 -2.23
C VAL B 126 0.53 30.66 -2.90
N HIS B 127 0.89 29.40 -3.09
CA HIS B 127 0.00 28.43 -3.71
C HIS B 127 -0.92 27.83 -2.65
N ARG B 128 -2.09 27.36 -3.07
CA ARG B 128 -3.05 26.76 -2.16
C ARG B 128 -3.66 25.51 -2.82
N GLY B 129 -4.19 24.61 -2.00
CA GLY B 129 -4.78 23.39 -2.53
C GLY B 129 -3.74 22.30 -2.73
N ASP B 130 -2.63 22.42 -2.01
CA ASP B 130 -1.55 21.46 -2.10
C ASP B 130 -1.77 20.33 -1.07
N TYR B 131 -1.71 19.08 -1.54
CA TYR B 131 -1.91 17.94 -0.65
C TYR B 131 -0.57 17.44 -0.15
N THR B 132 0.10 18.32 0.59
CA THR B 132 1.41 18.03 1.16
C THR B 132 1.38 18.47 2.62
N GLY B 133 2.24 17.86 3.43
CA GLY B 133 2.26 18.22 4.83
C GLY B 133 3.41 17.54 5.56
N THR B 134 3.36 17.58 6.87
CA THR B 134 4.39 17.00 7.69
C THR B 134 3.83 15.80 8.45
N VAL B 135 4.71 15.08 9.13
CA VAL B 135 4.28 13.95 9.94
C VAL B 135 4.70 14.32 11.36
N GLU B 136 3.77 14.24 12.29
CA GLU B 136 4.04 14.59 13.67
C GLU B 136 3.82 13.44 14.64
N GLU B 137 3.09 12.43 14.19
CA GLU B 137 2.76 11.28 15.02
C GLU B 137 2.85 9.97 14.25
N VAL B 138 3.25 8.91 14.94
CA VAL B 138 3.34 7.57 14.35
C VAL B 138 2.51 6.63 15.22
N ASN B 139 1.81 5.68 14.60
CA ASN B 139 1.04 4.71 15.37
C ASN B 139 2.06 3.66 15.83
N LYS B 140 2.83 3.99 16.86
CA LYS B 140 3.85 3.06 17.33
C LYS B 140 3.28 1.75 17.87
N ALA B 141 2.08 1.78 18.44
CA ALA B 141 1.47 0.56 18.96
C ALA B 141 1.27 -0.45 17.82
N LEU B 142 0.86 0.04 16.65
CA LEU B 142 0.66 -0.84 15.50
C LEU B 142 1.98 -1.46 15.06
N LEU B 143 3.01 -0.63 14.94
CA LEU B 143 4.32 -1.14 14.53
C LEU B 143 4.84 -2.15 15.57
N ASP B 144 4.69 -1.83 16.85
CA ASP B 144 5.18 -2.75 17.89
C ASP B 144 4.42 -4.08 17.83
N LEU B 145 3.12 -4.00 17.58
CA LEU B 145 2.29 -5.20 17.48
C LEU B 145 2.82 -6.11 16.36
N LEU B 146 3.11 -5.53 15.21
CA LEU B 146 3.61 -6.28 14.07
C LEU B 146 5.04 -6.80 14.31
N LEU B 147 5.89 -5.96 14.88
CA LEU B 147 7.26 -6.37 15.16
C LEU B 147 7.27 -7.55 16.14
N GLN B 148 6.47 -7.45 17.19
CA GLN B 148 6.44 -8.54 18.17
C GLN B 148 5.83 -9.81 17.60
N ALA B 149 5.02 -9.67 16.56
CA ALA B 149 4.39 -10.84 15.94
C ALA B 149 5.27 -11.44 14.84
N GLY B 150 6.45 -10.88 14.64
CA GLY B 150 7.36 -11.43 13.64
C GLY B 150 7.30 -10.89 12.23
N TYR B 151 6.84 -9.65 12.05
CA TYR B 151 6.76 -9.06 10.72
C TYR B 151 7.78 -7.93 10.56
N LEU B 152 8.29 -7.75 9.33
CA LEU B 152 9.26 -6.70 9.04
C LEU B 152 8.49 -5.57 8.33
N PRO B 153 8.27 -4.44 9.02
CA PRO B 153 7.53 -3.34 8.39
C PRO B 153 8.27 -2.60 7.28
N VAL B 154 7.60 -2.46 6.14
CA VAL B 154 8.14 -1.77 4.96
C VAL B 154 7.15 -0.61 4.78
N LEU B 155 7.58 0.57 5.22
CA LEU B 155 6.73 1.75 5.25
C LEU B 155 6.94 2.86 4.22
N THR B 156 5.86 3.59 3.92
CA THR B 156 5.93 4.64 2.91
C THR B 156 4.86 5.71 3.02
N PRO B 157 5.13 6.90 2.48
CA PRO B 157 4.08 7.92 2.55
C PRO B 157 3.06 7.43 1.51
N PRO B 158 1.94 8.15 1.35
CA PRO B 158 1.52 9.37 2.03
C PRO B 158 1.17 9.18 3.50
N ALA B 159 0.94 10.30 4.16
CA ALA B 159 0.55 10.32 5.56
C ALA B 159 -0.91 10.74 5.58
N LEU B 160 -1.54 10.64 6.75
CA LEU B 160 -2.93 11.02 6.91
C LEU B 160 -2.93 12.36 7.65
N SER B 161 -3.64 13.36 7.14
CA SER B 161 -3.67 14.65 7.83
C SER B 161 -4.63 14.55 9.00
N TYR B 162 -4.69 15.60 9.82
CA TYR B 162 -5.59 15.61 10.96
C TYR B 162 -7.04 15.68 10.49
N GLU B 163 -7.24 16.03 9.23
CA GLU B 163 -8.58 16.10 8.65
C GLU B 163 -8.83 14.83 7.84
N ASN B 164 -7.98 13.83 8.05
CA ASN B 164 -8.09 12.53 7.38
C ASN B 164 -7.93 12.56 5.87
N GLU B 165 -7.09 13.46 5.37
CA GLU B 165 -6.82 13.55 3.95
C GLU B 165 -5.43 12.98 3.65
N ALA B 166 -5.30 12.22 2.58
CA ALA B 166 -4.00 11.67 2.22
C ALA B 166 -3.11 12.86 1.82
N ILE B 167 -1.87 12.88 2.31
CA ILE B 167 -0.97 13.96 1.97
C ILE B 167 0.45 13.49 1.71
N ASN B 168 1.08 14.12 0.72
CA ASN B 168 2.46 13.84 0.36
C ASN B 168 3.28 14.39 1.53
N THR B 169 4.32 13.67 1.93
CA THR B 169 5.14 14.14 3.03
C THR B 169 6.56 13.63 2.87
N ASP B 170 7.51 14.28 3.55
CA ASP B 170 8.92 13.93 3.47
C ASP B 170 9.25 12.59 4.12
N GLY B 171 9.62 11.60 3.30
CA GLY B 171 9.98 10.29 3.81
C GLY B 171 11.21 10.30 4.70
N ASP B 172 12.12 11.25 4.48
CA ASP B 172 13.34 11.36 5.30
C ASP B 172 12.96 11.73 6.74
N GLN B 173 11.96 12.58 6.89
CA GLN B 173 11.52 13.02 8.21
C GLN B 173 10.73 11.90 8.89
N ILE B 174 10.01 11.10 8.10
CA ILE B 174 9.27 9.98 8.66
C ILE B 174 10.30 9.03 9.29
N ALA B 175 11.35 8.72 8.53
CA ALA B 175 12.40 7.82 9.01
C ALA B 175 13.07 8.37 10.26
N ALA B 176 13.33 9.67 10.27
CA ALA B 176 13.97 10.31 11.41
C ALA B 176 13.08 10.24 12.65
N LEU B 177 11.79 10.50 12.48
CA LEU B 177 10.85 10.44 13.60
C LEU B 177 10.80 9.02 14.16
N LEU B 178 10.71 8.04 13.28
CA LEU B 178 10.67 6.65 13.71
C LEU B 178 11.91 6.31 14.52
N ALA B 179 13.06 6.70 13.99
CA ALA B 179 14.33 6.43 14.64
C ALA B 179 14.40 7.04 16.04
N THR B 180 13.90 8.27 16.20
CA THR B 180 13.93 8.90 17.52
C THR B 180 12.96 8.22 18.48
N LEU B 181 11.78 7.84 18.01
CA LEU B 181 10.80 7.18 18.87
C LEU B 181 11.28 5.83 19.38
N TYR B 182 12.09 5.14 18.59
CA TYR B 182 12.62 3.84 18.96
C TYR B 182 14.02 3.94 19.57
N GLY B 183 14.57 5.15 19.61
CA GLY B 183 15.92 5.33 20.13
C GLY B 183 16.84 4.39 19.35
N ALA B 184 16.68 4.38 18.04
CA ALA B 184 17.46 3.53 17.15
C ALA B 184 18.96 3.64 17.33
N GLU B 185 19.66 2.51 17.31
CA GLU B 185 21.11 2.52 17.44
C GLU B 185 21.70 3.17 16.18
N ALA B 186 20.94 3.11 15.07
CA ALA B 186 21.39 3.72 13.83
C ALA B 186 20.24 4.04 12.87
N LEU B 187 20.39 5.16 12.16
CA LEU B 187 19.42 5.59 11.15
C LEU B 187 20.24 5.63 9.87
N VAL B 188 19.85 4.84 8.89
CA VAL B 188 20.58 4.75 7.63
C VAL B 188 19.81 5.30 6.43
N TYR B 189 20.44 6.20 5.69
CA TYR B 189 19.87 6.80 4.49
C TYR B 189 20.63 6.27 3.26
N LEU B 190 19.95 5.54 2.38
CA LEU B 190 20.60 5.01 1.19
C LEU B 190 20.16 5.82 -0.03
N SER B 191 21.12 6.23 -0.85
CA SER B 191 20.79 7.01 -2.03
C SER B 191 21.63 6.55 -3.22
N ASN B 192 21.68 7.36 -4.27
CA ASN B 192 22.45 7.00 -5.46
C ASN B 192 23.83 7.64 -5.51
N VAL B 193 24.30 8.10 -4.36
CA VAL B 193 25.62 8.70 -4.22
C VAL B 193 26.27 8.04 -3.01
N PRO B 194 27.61 8.01 -2.96
CA PRO B 194 28.29 7.40 -1.82
C PRO B 194 28.02 8.02 -0.45
N GLY B 195 27.53 9.25 -0.44
CA GLY B 195 27.25 9.91 0.82
C GLY B 195 26.93 11.39 0.69
N LEU B 196 27.15 12.14 1.78
CA LEU B 196 26.89 13.57 1.81
C LEU B 196 28.02 14.34 1.11
N LEU B 197 27.68 15.01 0.02
CA LEU B 197 28.66 15.79 -0.75
C LEU B 197 28.43 17.29 -0.59
N ALA B 198 29.37 17.98 0.05
CA ALA B 198 29.26 19.41 0.28
C ALA B 198 29.17 20.19 -1.03
N ARG B 199 29.81 19.66 -2.06
CA ARG B 199 29.81 20.31 -3.36
C ARG B 199 29.10 19.40 -4.36
N TYR B 200 27.98 18.82 -3.92
CA TYR B 200 27.17 17.92 -4.73
C TYR B 200 27.07 18.47 -6.16
N PRO B 201 27.17 17.59 -7.17
CA PRO B 201 27.35 16.14 -7.13
C PRO B 201 28.81 15.71 -7.25
N ASP B 202 29.73 16.56 -6.80
CA ASP B 202 31.15 16.24 -6.87
C ASP B 202 31.47 15.20 -5.80
N GLU B 203 31.55 13.94 -6.20
CA GLU B 203 31.83 12.88 -5.26
C GLU B 203 33.13 13.07 -4.48
N ALA B 204 33.93 14.04 -4.89
CA ALA B 204 35.18 14.33 -4.19
C ALA B 204 34.86 15.01 -2.86
N SER B 205 33.84 15.88 -2.88
CA SER B 205 33.45 16.64 -1.69
C SER B 205 32.80 15.82 -0.56
N LEU B 206 32.88 14.50 -0.65
CA LEU B 206 32.30 13.62 0.37
C LEU B 206 32.77 13.96 1.78
N VAL B 207 31.82 14.18 2.70
CA VAL B 207 32.16 14.45 4.08
C VAL B 207 32.02 13.12 4.81
N ARG B 208 33.13 12.61 5.35
CA ARG B 208 33.12 11.32 6.04
C ARG B 208 32.54 11.31 7.45
N GLU B 209 32.83 12.33 8.24
CA GLU B 209 32.32 12.37 9.61
C GLU B 209 31.88 13.76 10.02
N ILE B 210 30.77 13.84 10.75
CA ILE B 210 30.26 15.12 11.22
C ILE B 210 29.81 15.05 12.67
N PRO B 211 30.64 15.52 13.59
CA PRO B 211 30.30 15.50 15.02
C PRO B 211 29.15 16.48 15.28
N VAL B 212 28.18 16.05 16.07
CA VAL B 212 27.03 16.90 16.37
C VAL B 212 27.45 18.19 17.07
N GLU B 213 28.40 18.08 17.99
CA GLU B 213 28.89 19.24 18.73
C GLU B 213 29.46 20.32 17.82
N ARG B 214 29.89 19.93 16.63
CA ARG B 214 30.46 20.88 15.68
C ARG B 214 29.42 21.90 15.22
N ILE B 215 28.20 21.44 14.96
CA ILE B 215 27.15 22.34 14.51
C ILE B 215 26.64 23.13 15.73
N GLU B 216 27.52 23.98 16.26
CA GLU B 216 27.22 24.80 17.43
C GLU B 216 25.86 25.45 17.35
N ASP B 217 25.55 25.99 16.18
CA ASP B 217 24.27 26.63 15.92
C ASP B 217 24.00 26.46 14.43
N PRO B 218 22.72 26.40 14.03
CA PRO B 218 22.42 26.22 12.61
C PRO B 218 23.16 27.20 11.69
N GLU B 219 23.71 28.25 12.28
CA GLU B 219 24.46 29.24 11.50
C GLU B 219 25.71 28.58 10.94
N TYR B 220 26.16 27.51 11.58
CA TYR B 220 27.35 26.79 11.15
C TYR B 220 27.21 26.31 9.71
N LEU B 221 25.97 26.14 9.26
CA LEU B 221 25.69 25.65 7.91
C LEU B 221 25.28 26.77 6.94
N ALA B 222 25.47 28.01 7.34
CA ALA B 222 25.11 29.15 6.51
C ALA B 222 25.70 29.12 5.10
N LEU B 223 26.93 28.61 4.96
CA LEU B 223 27.58 28.54 3.66
C LEU B 223 27.39 27.23 2.90
N ALA B 224 26.78 26.25 3.55
CA ALA B 224 26.55 24.95 2.91
C ALA B 224 25.42 25.04 1.90
N GLN B 225 25.38 24.10 0.95
CA GLN B 225 24.30 24.08 -0.03
C GLN B 225 23.01 23.88 0.74
N GLY B 226 21.88 24.12 0.08
CA GLY B 226 20.59 23.96 0.75
C GLY B 226 20.36 22.55 1.25
N ARG B 227 20.35 21.59 0.32
CA ARG B 227 20.14 20.19 0.68
C ARG B 227 21.06 19.75 1.81
N MET B 228 22.36 19.93 1.60
CA MET B 228 23.37 19.57 2.59
C MET B 228 22.95 20.10 3.96
N LYS B 229 22.50 21.35 3.97
CA LYS B 229 22.07 22.00 5.21
C LYS B 229 20.90 21.29 5.84
N ARG B 230 19.92 20.91 5.03
CA ARG B 230 18.72 20.24 5.53
C ARG B 230 19.00 18.81 5.98
N LYS B 231 19.84 18.09 5.23
CA LYS B 231 20.18 16.72 5.59
C LYS B 231 20.92 16.71 6.93
N VAL B 232 21.91 17.57 7.08
CA VAL B 232 22.68 17.64 8.31
C VAL B 232 21.86 18.06 9.53
N MET B 233 21.08 19.13 9.38
CA MET B 233 20.27 19.59 10.51
C MET B 233 19.30 18.49 10.95
N GLY B 234 18.70 17.81 9.98
CA GLY B 234 17.78 16.74 10.30
C GLY B 234 18.48 15.66 11.11
N ALA B 235 19.64 15.24 10.62
CA ALA B 235 20.42 14.20 11.29
C ALA B 235 20.83 14.65 12.69
N VAL B 236 21.21 15.92 12.81
CA VAL B 236 21.61 16.48 14.10
C VAL B 236 20.45 16.44 15.07
N GLU B 237 19.24 16.75 14.56
CA GLU B 237 18.07 16.73 15.42
C GLU B 237 17.77 15.30 15.83
N ALA B 238 17.91 14.37 14.88
CA ALA B 238 17.67 12.96 15.16
C ALA B 238 18.58 12.50 16.29
N VAL B 239 19.87 12.82 16.19
CA VAL B 239 20.81 12.42 17.23
C VAL B 239 20.41 13.06 18.55
N LYS B 240 20.11 14.35 18.52
CA LYS B 240 19.70 15.07 19.72
C LYS B 240 18.43 14.40 20.25
N GLY B 241 17.67 13.81 19.33
CA GLY B 241 16.44 13.14 19.69
C GLY B 241 16.66 11.76 20.29
N GLY B 242 17.91 11.31 20.34
CA GLY B 242 18.19 10.00 20.91
C GLY B 242 18.72 8.95 19.96
N VAL B 243 18.98 9.33 18.71
CA VAL B 243 19.51 8.37 17.73
C VAL B 243 21.02 8.40 17.88
N LYS B 244 21.62 7.24 18.19
CA LYS B 244 23.07 7.17 18.39
C LYS B 244 23.86 7.68 17.19
N ARG B 245 23.53 7.19 16.00
CA ARG B 245 24.23 7.65 14.81
C ARG B 245 23.37 7.61 13.55
N VAL B 246 23.66 8.53 12.65
CA VAL B 246 22.95 8.64 11.38
C VAL B 246 23.96 8.46 10.27
N VAL B 247 23.66 7.60 9.31
CA VAL B 247 24.59 7.35 8.20
C VAL B 247 23.96 7.55 6.83
N PHE B 248 24.69 8.23 5.95
CA PHE B 248 24.24 8.48 4.58
C PHE B 248 25.16 7.61 3.74
N ALA B 249 24.59 6.62 3.05
CA ALA B 249 25.39 5.70 2.26
C ALA B 249 24.83 5.39 0.87
N ASP B 250 25.53 4.49 0.18
CA ASP B 250 25.21 4.08 -1.18
C ASP B 250 24.19 2.94 -1.28
N GLY B 251 23.07 3.20 -1.95
CA GLY B 251 22.05 2.19 -2.11
C GLY B 251 22.14 1.45 -3.44
N ARG B 252 23.23 1.66 -4.17
CA ARG B 252 23.43 1.01 -5.47
C ARG B 252 24.30 -0.24 -5.38
N VAL B 253 25.05 -0.36 -4.29
CA VAL B 253 25.98 -1.47 -4.08
C VAL B 253 25.46 -2.68 -3.30
N GLU B 254 26.26 -3.74 -3.26
CA GLU B 254 25.91 -4.96 -2.52
C GLU B 254 26.11 -4.68 -1.05
N ASN B 255 25.36 -5.39 -0.20
CA ASN B 255 25.46 -5.21 1.24
C ASN B 255 25.42 -3.72 1.58
N PRO B 256 24.47 -2.98 0.99
CA PRO B 256 24.38 -1.54 1.26
C PRO B 256 24.15 -1.15 2.72
N ILE B 257 23.32 -1.91 3.43
CA ILE B 257 23.05 -1.57 4.82
C ILE B 257 24.23 -1.91 5.71
N ARG B 258 24.78 -3.11 5.56
CA ARG B 258 25.94 -3.51 6.36
C ARG B 258 27.11 -2.55 6.17
N ARG B 259 27.36 -2.17 4.92
CA ARG B 259 28.46 -1.25 4.65
C ARG B 259 28.21 0.11 5.29
N ALA B 260 26.94 0.53 5.31
CA ALA B 260 26.59 1.81 5.92
C ALA B 260 26.87 1.73 7.43
N LEU B 261 26.48 0.61 8.02
CA LEU B 261 26.66 0.39 9.44
C LEU B 261 28.14 0.28 9.83
N SER B 262 28.97 -0.16 8.89
CA SER B 262 30.40 -0.29 9.18
C SER B 262 31.12 1.05 9.00
N GLY B 263 30.36 2.09 8.66
CA GLY B 263 30.97 3.41 8.50
C GLY B 263 31.18 3.93 7.09
N GLU B 264 30.87 3.14 6.07
CA GLU B 264 31.03 3.59 4.70
C GLU B 264 30.03 4.72 4.41
N GLY B 265 30.54 5.88 4.02
CA GLY B 265 29.67 7.01 3.73
C GLY B 265 29.84 8.12 4.74
N THR B 266 28.78 8.89 4.95
CA THR B 266 28.82 10.00 5.91
C THR B 266 28.18 9.58 7.23
N VAL B 267 28.94 9.72 8.31
CA VAL B 267 28.45 9.36 9.63
C VAL B 267 28.30 10.59 10.53
N VAL B 268 27.09 10.82 11.02
CA VAL B 268 26.82 11.95 11.90
C VAL B 268 26.65 11.40 13.30
N ARG B 269 27.39 11.99 14.24
CA ARG B 269 27.40 11.57 15.64
C ARG B 269 27.53 12.69 16.63
#